data_8KFL
#
_entry.id   8KFL
#
_entity_poly.entity_id   1
_entity_poly.type   'polydeoxyribonucleotide'
_entity_poly.pdbx_seq_one_letter_code
;(DG)(DG)(DG)(DT)(DA)(DG)(DG)(DG)(DG)(DC)(DG)(DG)(DG)(DG)(DC)(DG)(DG)(DG)(DG)(DC)
(DG)
;
_entity_poly.pdbx_strand_id   A
#